data_2A6Q
#
_entry.id   2A6Q
#
_cell.length_a   88.485
_cell.length_b   88.485
_cell.length_c   135.150
_cell.angle_alpha   90.00
_cell.angle_beta   90.00
_cell.angle_gamma   120.00
#
_symmetry.space_group_name_H-M   'P 64'
#
loop_
_entity.id
_entity.type
_entity.pdbx_description
1 polymer 'Antitoxin yefM'
2 polymer 'Toxin yoeB'
3 water water
#
loop_
_entity_poly.entity_id
_entity_poly.type
_entity_poly.pdbx_seq_one_letter_code
_entity_poly.pdbx_strand_id
1 'polypeptide(L)'
;GPHMRTISYSEARQNLSATMMKAVEDHAPILITRQNGEACVLMSLEEYNSLEETAYLLRSPANARRLMDSIDSLKSGKGT
EKDIIE
;
A,B,C,D
2 'polypeptide(L)'
;MKLIWSEESWDDYLYWQETDKRIVKKINELIKDTRRTPFEGKGKPEPLKHNLSGFWSRRITEEHRLVYAVTDDSLLIAAC
RYHY
;
E,F
#
# COMPACT_ATOMS: atom_id res chain seq x y z
N GLY A 1 -21.21 -13.64 -11.33
CA GLY A 1 -19.87 -14.21 -11.03
C GLY A 1 -18.76 -13.38 -11.67
N PRO A 2 -17.56 -13.96 -11.85
CA PRO A 2 -16.44 -13.24 -12.45
C PRO A 2 -16.76 -12.86 -13.90
N HIS A 3 -16.09 -11.83 -14.40
CA HIS A 3 -16.31 -11.39 -15.76
C HIS A 3 -15.00 -11.27 -16.49
N MET A 4 -14.13 -12.25 -16.24
CA MET A 4 -12.83 -12.26 -16.89
C MET A 4 -12.49 -13.62 -17.45
N ARG A 5 -11.52 -13.62 -18.35
CA ARG A 5 -11.07 -14.84 -18.97
C ARG A 5 -10.55 -15.76 -17.88
N THR A 6 -10.78 -17.04 -18.05
CA THR A 6 -10.32 -18.02 -17.09
C THR A 6 -9.34 -18.97 -17.78
N ILE A 7 -8.41 -19.51 -17.02
CA ILE A 7 -7.43 -20.45 -17.54
C ILE A 7 -7.18 -21.47 -16.42
N SER A 8 -6.92 -22.71 -16.79
CA SER A 8 -6.68 -23.73 -15.77
C SER A 8 -5.28 -23.57 -15.17
N TYR A 9 -5.10 -24.09 -13.96
CA TYR A 9 -3.80 -24.03 -13.32
C TYR A 9 -2.74 -24.60 -14.25
N SER A 10 -2.99 -25.81 -14.76
CA SER A 10 -2.05 -26.49 -15.64
C SER A 10 -1.69 -25.74 -16.91
N GLU A 11 -2.67 -25.13 -17.58
CA GLU A 11 -2.36 -24.40 -18.80
C GLU A 11 -1.54 -23.17 -18.47
N ALA A 12 -1.89 -22.49 -17.38
CA ALA A 12 -1.16 -21.29 -16.97
C ALA A 12 0.27 -21.64 -16.60
N ARG A 13 0.43 -22.70 -15.82
CA ARG A 13 1.76 -23.12 -15.40
C ARG A 13 2.60 -23.57 -16.60
N GLN A 14 1.99 -24.32 -17.52
CA GLN A 14 2.75 -24.76 -18.67
C GLN A 14 3.09 -23.58 -19.59
N ASN A 15 2.24 -22.56 -19.60
CA ASN A 15 2.45 -21.39 -20.46
C ASN A 15 2.48 -20.08 -19.66
N LEU A 16 3.20 -20.08 -18.55
CA LEU A 16 3.28 -18.90 -17.70
C LEU A 16 3.78 -17.66 -18.44
N SER A 17 4.87 -17.82 -19.18
CA SER A 17 5.46 -16.71 -19.92
C SER A 17 4.45 -16.05 -20.85
N ALA A 18 3.82 -16.86 -21.69
CA ALA A 18 2.83 -16.35 -22.64
C ALA A 18 1.65 -15.70 -21.91
N THR A 19 1.23 -16.32 -20.81
CA THR A 19 0.10 -15.81 -20.03
C THR A 19 0.41 -14.41 -19.46
N MET A 20 1.60 -14.24 -18.93
CA MET A 20 2.00 -12.96 -18.37
C MET A 20 2.12 -11.92 -19.48
N MET A 21 2.73 -12.31 -20.60
CA MET A 21 2.90 -11.38 -21.71
C MET A 21 1.56 -10.87 -22.28
N LYS A 22 0.57 -11.75 -22.32
CA LYS A 22 -0.76 -11.40 -22.84
C LYS A 22 -1.44 -10.44 -21.87
N ALA A 23 -1.29 -10.71 -20.57
CA ALA A 23 -1.88 -9.87 -19.54
C ALA A 23 -1.31 -8.47 -19.67
N VAL A 24 -0.01 -8.38 -19.91
CA VAL A 24 0.66 -7.09 -20.06
C VAL A 24 0.24 -6.41 -21.37
N GLU A 25 0.24 -7.16 -22.46
CA GLU A 25 -0.13 -6.62 -23.77
C GLU A 25 -1.56 -6.11 -23.83
N ASP A 26 -2.49 -6.93 -23.36
CA ASP A 26 -3.91 -6.61 -23.37
C ASP A 26 -4.42 -5.73 -22.24
N HIS A 27 -3.63 -5.57 -21.19
CA HIS A 27 -4.04 -4.77 -20.04
C HIS A 27 -5.31 -5.36 -19.45
N ALA A 28 -5.41 -6.68 -19.53
CA ALA A 28 -6.57 -7.38 -19.02
C ALA A 28 -6.14 -8.44 -18.01
N PRO A 29 -6.99 -8.70 -17.01
CA PRO A 29 -6.70 -9.71 -15.98
C PRO A 29 -7.14 -11.10 -16.40
N ILE A 30 -6.57 -12.13 -15.79
CA ILE A 30 -6.99 -13.48 -16.11
C ILE A 30 -7.10 -14.27 -14.81
N LEU A 31 -8.12 -15.11 -14.71
CA LEU A 31 -8.35 -15.91 -13.51
C LEU A 31 -7.80 -17.33 -13.66
N ILE A 32 -6.86 -17.67 -12.78
CA ILE A 32 -6.24 -18.99 -12.78
C ILE A 32 -6.96 -19.83 -11.73
N THR A 33 -7.51 -20.96 -12.16
CA THR A 33 -8.26 -21.81 -11.24
C THR A 33 -7.65 -23.20 -11.07
N ARG A 34 -7.53 -23.64 -9.83
CA ARG A 34 -7.01 -24.98 -9.55
C ARG A 34 -8.22 -25.90 -9.54
N GLN A 35 -8.02 -27.16 -9.94
CA GLN A 35 -9.12 -28.12 -9.98
C GLN A 35 -9.57 -28.55 -8.58
N ASN A 36 -9.15 -27.78 -7.58
CA ASN A 36 -9.50 -28.06 -6.20
C ASN A 36 -10.24 -26.86 -5.63
N GLY A 37 -10.37 -25.80 -6.43
CA GLY A 37 -11.07 -24.62 -5.98
C GLY A 37 -10.27 -23.33 -5.94
N GLU A 38 -9.05 -23.39 -5.41
CA GLU A 38 -8.20 -22.21 -5.32
C GLU A 38 -8.17 -21.43 -6.63
N ALA A 39 -8.29 -20.11 -6.53
CA ALA A 39 -8.29 -19.26 -7.72
C ALA A 39 -7.70 -17.87 -7.46
N CYS A 40 -6.76 -17.48 -8.31
CA CYS A 40 -6.11 -16.19 -8.22
C CYS A 40 -6.15 -15.47 -9.54
N VAL A 41 -6.23 -14.15 -9.48
CA VAL A 41 -6.23 -13.32 -10.66
C VAL A 41 -4.78 -12.91 -10.91
N LEU A 42 -4.39 -12.92 -12.18
CA LEU A 42 -3.06 -12.49 -12.58
C LEU A 42 -3.28 -11.26 -13.45
N MET A 43 -2.54 -10.19 -13.18
CA MET A 43 -2.68 -8.98 -14.00
C MET A 43 -1.32 -8.31 -14.10
N SER A 44 -1.16 -7.45 -15.09
CA SER A 44 0.11 -6.75 -15.27
C SER A 44 0.32 -5.80 -14.08
N LEU A 45 1.59 -5.51 -13.77
CA LEU A 45 1.90 -4.61 -12.66
C LEU A 45 1.25 -3.26 -12.91
N GLU A 46 1.31 -2.82 -14.16
CA GLU A 46 0.75 -1.55 -14.59
C GLU A 46 -0.75 -1.48 -14.28
N GLU A 47 -1.47 -2.55 -14.60
CA GLU A 47 -2.91 -2.56 -14.35
C GLU A 47 -3.17 -2.64 -12.86
N TYR A 48 -2.35 -3.39 -12.13
CA TYR A 48 -2.53 -3.48 -10.70
C TYR A 48 -2.33 -2.12 -10.03
N ASN A 49 -1.25 -1.43 -10.37
CA ASN A 49 -0.96 -0.12 -9.80
C ASN A 49 -2.10 0.87 -10.09
N SER A 50 -2.70 0.77 -11.27
CA SER A 50 -3.79 1.67 -11.62
C SER A 50 -5.01 1.39 -10.76
N LEU A 51 -5.38 0.11 -10.64
CA LEU A 51 -6.53 -0.26 -9.84
C LEU A 51 -6.35 0.06 -8.36
N GLU A 52 -5.17 -0.19 -7.83
CA GLU A 52 -4.89 0.07 -6.41
C GLU A 52 -4.95 1.56 -6.09
N GLU A 53 -4.35 2.38 -6.94
CA GLU A 53 -4.35 3.83 -6.74
C GLU A 53 -5.78 4.40 -6.80
N THR A 54 -6.62 3.80 -7.65
CA THR A 54 -8.01 4.25 -7.79
C THR A 54 -8.79 3.90 -6.54
N ALA A 55 -8.59 2.68 -6.05
CA ALA A 55 -9.28 2.26 -4.85
C ALA A 55 -8.81 3.11 -3.68
N TYR A 56 -7.52 3.43 -3.65
CA TYR A 56 -6.95 4.24 -2.57
C TYR A 56 -7.64 5.60 -2.46
N LEU A 57 -7.83 6.25 -3.59
CA LEU A 57 -8.47 7.58 -3.61
C LEU A 57 -9.94 7.57 -3.25
N LEU A 58 -10.58 6.41 -3.35
CA LEU A 58 -12.01 6.32 -3.06
C LEU A 58 -12.30 5.62 -1.75
N ARG A 59 -11.28 4.99 -1.17
CA ARG A 59 -11.42 4.26 0.07
C ARG A 59 -11.99 5.13 1.19
N SER A 60 -11.47 6.37 1.28
CA SER A 60 -11.92 7.31 2.30
C SER A 60 -13.19 8.02 1.82
N PRO A 61 -14.34 7.79 2.47
CA PRO A 61 -15.60 8.43 2.07
C PRO A 61 -15.48 9.93 1.88
N ALA A 62 -14.81 10.60 2.80
CA ALA A 62 -14.65 12.06 2.72
C ALA A 62 -13.87 12.48 1.47
N ASN A 63 -12.84 11.71 1.12
CA ASN A 63 -12.05 12.04 -0.06
C ASN A 63 -12.80 11.68 -1.36
N ALA A 64 -13.53 10.57 -1.34
CA ALA A 64 -14.29 10.13 -2.51
C ALA A 64 -15.34 11.18 -2.86
N ARG A 65 -16.02 11.68 -1.83
CA ARG A 65 -17.04 12.70 -2.01
C ARG A 65 -16.47 13.94 -2.68
N ARG A 66 -15.42 14.52 -2.09
CA ARG A 66 -14.78 15.71 -2.64
C ARG A 66 -14.26 15.53 -4.05
N LEU A 67 -13.61 14.40 -4.27
CA LEU A 67 -13.05 14.11 -5.57
C LEU A 67 -14.15 13.96 -6.61
N MET A 68 -15.29 13.40 -6.21
CA MET A 68 -16.38 13.23 -7.16
C MET A 68 -17.02 14.58 -7.50
N ASP A 69 -17.19 15.44 -6.49
CA ASP A 69 -17.76 16.76 -6.74
C ASP A 69 -16.78 17.56 -7.61
N SER A 70 -15.50 17.44 -7.29
CA SER A 70 -14.45 18.15 -8.02
C SER A 70 -14.38 17.73 -9.49
N ILE A 71 -14.44 16.42 -9.75
CA ILE A 71 -14.39 15.90 -11.12
C ILE A 71 -15.65 16.35 -11.86
N ASP A 72 -16.80 16.25 -11.20
CA ASP A 72 -18.06 16.65 -11.80
C ASP A 72 -17.95 18.08 -12.33
N SER A 73 -17.55 19.00 -11.46
CA SER A 73 -17.40 20.40 -11.83
C SER A 73 -16.47 20.55 -13.03
N LEU A 74 -15.27 20.01 -12.90
CA LEU A 74 -14.26 20.09 -13.96
C LEU A 74 -14.76 19.61 -15.32
N LYS A 75 -15.43 18.46 -15.35
CA LYS A 75 -15.95 17.94 -16.60
C LYS A 75 -16.99 18.88 -17.19
N SER A 76 -17.71 19.58 -16.32
CA SER A 76 -18.75 20.52 -16.71
C SER A 76 -18.21 21.87 -17.18
N GLY A 77 -16.89 22.03 -17.16
CA GLY A 77 -16.29 23.28 -17.58
C GLY A 77 -16.39 24.39 -16.55
N LYS A 78 -17.00 24.08 -15.40
CA LYS A 78 -17.16 25.06 -14.33
C LYS A 78 -15.87 25.31 -13.55
N GLY A 79 -14.74 24.89 -14.09
CA GLY A 79 -13.47 25.11 -13.41
C GLY A 79 -12.87 26.49 -13.61
N THR A 80 -12.28 27.04 -12.55
CA THR A 80 -11.67 28.36 -12.60
C THR A 80 -10.17 28.29 -12.87
N GLU A 81 -9.68 29.16 -13.76
CA GLU A 81 -8.27 29.20 -14.09
C GLU A 81 -7.52 30.08 -13.10
N LYS A 82 -6.44 29.55 -12.52
CA LYS A 82 -5.62 30.28 -11.56
C LYS A 82 -4.18 29.82 -11.72
N ASP A 83 -3.23 30.72 -11.51
CA ASP A 83 -1.83 30.35 -11.62
C ASP A 83 -1.29 29.92 -10.27
N ILE A 84 -0.12 29.27 -10.28
CA ILE A 84 0.47 28.80 -9.03
C ILE A 84 1.03 29.92 -8.18
N ILE A 85 0.74 29.88 -6.89
CA ILE A 85 1.22 30.89 -5.96
C ILE A 85 2.65 30.51 -5.59
N GLU A 86 3.61 31.08 -6.31
CA GLU A 86 5.02 30.81 -6.09
C GLU A 86 5.45 31.16 -4.67
N GLY B 1 11.94 -14.01 9.40
CA GLY B 1 11.93 -13.02 8.29
C GLY B 1 10.52 -12.73 7.81
N PRO B 2 10.35 -11.83 6.83
CA PRO B 2 9.03 -11.49 6.31
C PRO B 2 8.57 -12.45 5.21
N HIS B 3 7.25 -12.55 5.03
CA HIS B 3 6.70 -13.42 3.98
C HIS B 3 7.15 -12.85 2.64
N MET B 4 7.33 -13.71 1.64
CA MET B 4 7.76 -13.25 0.33
C MET B 4 6.64 -12.44 -0.33
N ARG B 5 7.03 -11.37 -1.02
CA ARG B 5 6.06 -10.54 -1.73
C ARG B 5 6.52 -10.44 -3.17
N THR B 6 7.60 -11.15 -3.47
CA THR B 6 8.16 -11.16 -4.81
C THR B 6 8.72 -12.53 -5.15
N ILE B 7 8.70 -12.84 -6.44
CA ILE B 7 9.23 -14.11 -6.93
C ILE B 7 9.50 -13.91 -8.41
N SER B 8 10.55 -14.54 -8.91
CA SER B 8 10.88 -14.41 -10.31
C SER B 8 9.97 -15.34 -11.11
N TYR B 9 9.83 -15.05 -12.40
CA TYR B 9 9.01 -15.87 -13.29
C TYR B 9 9.60 -17.28 -13.29
N SER B 10 10.91 -17.37 -13.46
CA SER B 10 11.60 -18.66 -13.49
C SER B 10 11.24 -19.54 -12.30
N GLU B 11 11.24 -18.95 -11.11
CA GLU B 11 10.92 -19.72 -9.92
C GLU B 11 9.42 -19.99 -9.84
N ALA B 12 8.63 -19.02 -10.29
CA ALA B 12 7.18 -19.15 -10.27
C ALA B 12 6.67 -20.32 -11.12
N ARG B 13 7.34 -20.58 -12.24
CA ARG B 13 6.97 -21.69 -13.12
C ARG B 13 6.77 -22.97 -12.35
N GLN B 14 7.74 -23.27 -11.50
CA GLN B 14 7.75 -24.49 -10.71
C GLN B 14 7.13 -24.42 -9.33
N ASN B 15 6.77 -23.21 -8.89
CA ASN B 15 6.16 -23.07 -7.58
C ASN B 15 4.85 -22.27 -7.65
N LEU B 16 4.21 -22.27 -8.81
CA LEU B 16 2.97 -21.52 -8.99
C LEU B 16 1.88 -21.83 -7.97
N SER B 17 1.61 -23.11 -7.73
CA SER B 17 0.58 -23.52 -6.79
C SER B 17 0.83 -22.97 -5.37
N ALA B 18 2.05 -23.15 -4.89
CA ALA B 18 2.42 -22.65 -3.58
C ALA B 18 2.28 -21.13 -3.57
N THR B 19 2.70 -20.49 -4.65
CA THR B 19 2.62 -19.04 -4.75
C THR B 19 1.18 -18.54 -4.68
N MET B 20 0.28 -19.26 -5.35
CA MET B 20 -1.13 -18.89 -5.34
C MET B 20 -1.67 -19.03 -3.91
N MET B 21 -1.30 -20.12 -3.24
CA MET B 21 -1.75 -20.35 -1.88
C MET B 21 -1.27 -19.24 -0.94
N LYS B 22 -0.07 -18.74 -1.17
CA LYS B 22 0.47 -17.69 -0.31
C LYS B 22 -0.26 -16.35 -0.47
N ALA B 23 -0.60 -16.02 -1.72
CA ALA B 23 -1.31 -14.77 -2.01
C ALA B 23 -2.69 -14.82 -1.33
N VAL B 24 -3.31 -15.99 -1.38
CA VAL B 24 -4.62 -16.20 -0.77
C VAL B 24 -4.53 -16.18 0.76
N GLU B 25 -3.52 -16.87 1.29
CA GLU B 25 -3.29 -16.97 2.73
C GLU B 25 -3.10 -15.62 3.43
N ASP B 26 -2.23 -14.79 2.88
CA ASP B 26 -1.96 -13.49 3.46
C ASP B 26 -2.90 -12.39 2.98
N HIS B 27 -3.76 -12.74 2.04
CA HIS B 27 -4.69 -11.79 1.44
C HIS B 27 -3.88 -10.58 1.02
N ALA B 28 -2.74 -10.85 0.39
CA ALA B 28 -1.85 -9.80 -0.09
C ALA B 28 -1.28 -10.25 -1.44
N PRO B 29 -1.12 -9.29 -2.37
CA PRO B 29 -0.59 -9.60 -3.71
C PRO B 29 0.90 -9.94 -3.76
N ILE B 30 1.24 -10.82 -4.70
CA ILE B 30 2.61 -11.23 -4.90
C ILE B 30 3.04 -10.80 -6.29
N LEU B 31 4.19 -10.15 -6.35
CA LEU B 31 4.73 -9.67 -7.60
C LEU B 31 5.60 -10.71 -8.29
N ILE B 32 5.31 -11.00 -9.55
CA ILE B 32 6.11 -11.95 -10.30
C ILE B 32 6.96 -11.13 -11.27
N THR B 33 8.25 -11.03 -10.96
CA THR B 33 9.19 -10.26 -11.77
C THR B 33 9.64 -11.01 -13.02
N ARG B 34 10.05 -10.25 -14.03
CA ARG B 34 10.52 -10.82 -15.29
C ARG B 34 11.84 -10.17 -15.70
N GLN B 35 12.89 -10.99 -15.79
CA GLN B 35 14.22 -10.51 -16.17
C GLN B 35 14.21 -9.55 -17.35
N ASN B 36 13.41 -9.86 -18.37
CA ASN B 36 13.34 -9.00 -19.55
C ASN B 36 12.01 -8.27 -19.68
N GLY B 37 10.92 -9.03 -19.73
CA GLY B 37 9.61 -8.44 -19.89
C GLY B 37 9.09 -7.61 -18.74
N GLU B 38 7.77 -7.54 -18.64
CA GLU B 38 7.10 -6.78 -17.59
C GLU B 38 6.58 -7.72 -16.51
N ALA B 39 6.62 -7.24 -15.28
CA ALA B 39 6.17 -8.03 -14.15
C ALA B 39 4.65 -8.09 -14.08
N CYS B 40 4.14 -9.10 -13.37
CA CYS B 40 2.71 -9.25 -13.18
C CYS B 40 2.45 -9.43 -11.70
N VAL B 41 1.19 -9.23 -11.31
CA VAL B 41 0.80 -9.39 -9.93
C VAL B 41 -0.23 -10.51 -9.83
N LEU B 42 -0.11 -11.32 -8.79
CA LEU B 42 -1.02 -12.43 -8.53
C LEU B 42 -1.70 -12.10 -7.20
N MET B 43 -3.02 -12.24 -7.16
CA MET B 43 -3.76 -11.96 -5.94
C MET B 43 -5.01 -12.82 -5.92
N SER B 44 -5.59 -13.01 -4.75
CA SER B 44 -6.79 -13.83 -4.63
C SER B 44 -7.94 -13.14 -5.36
N LEU B 45 -8.90 -13.93 -5.82
CA LEU B 45 -10.06 -13.38 -6.51
C LEU B 45 -10.79 -12.46 -5.54
N GLU B 46 -10.87 -12.89 -4.28
CA GLU B 46 -11.53 -12.12 -3.24
C GLU B 46 -10.91 -10.72 -3.14
N GLU B 47 -9.57 -10.66 -3.05
CA GLU B 47 -8.91 -9.37 -2.95
C GLU B 47 -9.14 -8.56 -4.22
N TYR B 48 -9.16 -9.24 -5.36
CA TYR B 48 -9.37 -8.53 -6.63
C TYR B 48 -10.76 -7.88 -6.70
N ASN B 49 -11.80 -8.61 -6.31
CA ASN B 49 -13.16 -8.07 -6.36
C ASN B 49 -13.36 -6.93 -5.38
N SER B 50 -12.81 -7.10 -4.18
CA SER B 50 -12.90 -6.09 -3.14
C SER B 50 -12.30 -4.80 -3.68
N LEU B 51 -11.17 -4.94 -4.36
CA LEU B 51 -10.47 -3.80 -4.94
C LEU B 51 -11.31 -3.11 -6.00
N GLU B 52 -11.98 -3.89 -6.84
CA GLU B 52 -12.82 -3.30 -7.88
C GLU B 52 -14.05 -2.64 -7.28
N GLU B 53 -14.64 -3.29 -6.27
CA GLU B 53 -15.82 -2.73 -5.61
C GLU B 53 -15.51 -1.34 -5.08
N THR B 54 -14.31 -1.18 -4.54
CA THR B 54 -13.89 0.12 -4.01
C THR B 54 -13.74 1.13 -5.13
N ALA B 55 -12.97 0.77 -6.15
CA ALA B 55 -12.73 1.66 -7.28
C ALA B 55 -14.04 1.97 -8.03
N TYR B 56 -15.10 1.25 -7.68
CA TYR B 56 -16.41 1.45 -8.31
C TYR B 56 -17.33 2.27 -7.42
N LEU B 57 -16.84 2.69 -6.26
CA LEU B 57 -17.66 3.45 -5.33
C LEU B 57 -18.88 2.59 -5.00
N LEU B 58 -18.62 1.40 -4.45
CA LEU B 58 -19.65 0.43 -4.09
C LEU B 58 -20.60 0.13 -5.24
N GLY C 1 14.52 8.44 13.61
CA GLY C 1 14.80 9.90 13.76
C GLY C 1 16.10 10.19 14.50
N PRO C 2 16.13 10.03 15.84
CA PRO C 2 17.32 10.27 16.67
C PRO C 2 18.61 9.66 16.13
N HIS C 3 19.43 10.52 15.53
CA HIS C 3 20.71 10.13 14.95
C HIS C 3 20.80 8.66 14.58
N MET C 4 19.98 8.21 13.65
CA MET C 4 20.03 6.81 13.27
C MET C 4 21.43 6.56 12.67
N ARG C 5 21.85 5.30 12.72
CA ARG C 5 23.15 4.91 12.17
C ARG C 5 23.28 5.48 10.77
N THR C 6 24.48 5.94 10.43
CA THR C 6 24.72 6.53 9.12
C THR C 6 25.89 5.94 8.35
N ILE C 7 25.94 6.25 7.05
CA ILE C 7 26.99 5.77 6.18
C ILE C 7 26.99 6.64 4.92
N SER C 8 28.17 6.85 4.33
CA SER C 8 28.27 7.67 3.12
C SER C 8 27.84 6.89 1.89
N TYR C 9 27.50 7.63 0.83
CA TYR C 9 27.08 7.00 -0.42
C TYR C 9 28.20 6.07 -0.89
N SER C 10 29.43 6.57 -0.84
CA SER C 10 30.60 5.80 -1.26
C SER C 10 30.76 4.47 -0.55
N GLU C 11 30.73 4.52 0.78
CA GLU C 11 30.90 3.30 1.56
C GLU C 11 29.72 2.37 1.30
N ALA C 12 28.52 2.94 1.24
CA ALA C 12 27.32 2.15 0.98
C ALA C 12 27.48 1.44 -0.37
N ARG C 13 27.82 2.21 -1.41
CA ARG C 13 27.99 1.64 -2.74
C ARG C 13 28.97 0.48 -2.78
N GLN C 14 30.13 0.67 -2.17
CA GLN C 14 31.15 -0.36 -2.16
C GLN C 14 30.84 -1.57 -1.29
N ASN C 15 30.01 -1.39 -0.26
CA ASN C 15 29.67 -2.48 0.64
C ASN C 15 28.17 -2.72 0.75
N LEU C 16 27.44 -2.45 -0.32
CA LEU C 16 26.00 -2.59 -0.30
C LEU C 16 25.50 -3.93 0.26
N SER C 17 26.06 -5.02 -0.24
CA SER C 17 25.67 -6.35 0.19
C SER C 17 25.76 -6.50 1.70
N ALA C 18 26.89 -6.06 2.27
CA ALA C 18 27.12 -6.13 3.70
C ALA C 18 26.24 -5.14 4.45
N THR C 19 25.99 -3.99 3.83
CA THR C 19 25.15 -2.97 4.45
C THR C 19 23.71 -3.47 4.57
N MET C 20 23.23 -4.14 3.53
CA MET C 20 21.88 -4.69 3.52
C MET C 20 21.79 -5.85 4.53
N MET C 21 22.81 -6.70 4.53
CA MET C 21 22.85 -7.84 5.45
C MET C 21 22.76 -7.35 6.90
N LYS C 22 23.42 -6.22 7.15
CA LYS C 22 23.44 -5.59 8.47
C LYS C 22 22.06 -5.06 8.86
N ALA C 23 21.41 -4.35 7.95
CA ALA C 23 20.09 -3.81 8.24
C ALA C 23 19.12 -4.93 8.60
N VAL C 24 19.23 -6.05 7.90
CA VAL C 24 18.36 -7.19 8.13
C VAL C 24 18.68 -7.82 9.49
N GLU C 25 19.96 -8.03 9.74
CA GLU C 25 20.40 -8.64 10.99
C GLU C 25 20.06 -7.83 12.22
N ASP C 26 20.41 -6.55 12.21
CA ASP C 26 20.17 -5.67 13.35
C ASP C 26 18.77 -5.08 13.46
N HIS C 27 17.95 -5.22 12.42
CA HIS C 27 16.60 -4.64 12.46
C HIS C 27 16.65 -3.15 12.71
N ALA C 28 17.70 -2.50 12.21
CA ALA C 28 17.87 -1.08 12.40
C ALA C 28 17.98 -0.35 11.06
N PRO C 29 17.37 0.84 10.96
CA PRO C 29 17.41 1.63 9.74
C PRO C 29 18.76 2.36 9.62
N ILE C 30 19.27 2.48 8.41
CA ILE C 30 20.54 3.17 8.22
C ILE C 30 20.36 4.30 7.21
N LEU C 31 20.89 5.46 7.58
CA LEU C 31 20.80 6.65 6.73
C LEU C 31 21.98 6.71 5.76
N ILE C 32 21.68 6.71 4.47
CA ILE C 32 22.72 6.80 3.44
C ILE C 32 22.76 8.23 2.93
N THR C 33 23.81 8.94 3.33
CA THR C 33 23.99 10.34 2.93
C THR C 33 24.76 10.46 1.62
N ARG C 34 24.48 11.50 0.86
CA ARG C 34 25.16 11.73 -0.41
C ARG C 34 25.62 13.19 -0.51
N GLN C 35 26.82 13.38 -1.04
CA GLN C 35 27.42 14.70 -1.20
C GLN C 35 26.44 15.76 -1.66
N ASN C 36 25.80 15.52 -2.81
CA ASN C 36 24.84 16.45 -3.37
C ASN C 36 23.52 15.76 -3.68
N GLY C 37 22.57 15.89 -2.78
CA GLY C 37 21.26 15.28 -2.97
C GLY C 37 20.60 14.94 -1.67
N GLU C 38 19.37 14.43 -1.73
CA GLU C 38 18.64 14.07 -0.53
C GLU C 38 19.08 12.72 0.02
N ALA C 39 19.12 12.60 1.34
CA ALA C 39 19.52 11.36 1.98
C ALA C 39 18.38 10.34 1.90
N CYS C 40 18.73 9.07 1.93
CA CYS C 40 17.74 7.99 1.88
C CYS C 40 17.94 7.04 3.06
N VAL C 41 16.86 6.42 3.51
CA VAL C 41 16.93 5.47 4.61
C VAL C 41 16.78 4.09 4.01
N LEU C 42 17.64 3.18 4.45
CA LEU C 42 17.63 1.80 4.01
C LEU C 42 17.26 0.98 5.25
N MET C 43 16.22 0.16 5.13
CA MET C 43 15.78 -0.70 6.21
C MET C 43 15.37 -2.07 5.66
N SER C 44 15.29 -3.07 6.54
CA SER C 44 14.90 -4.41 6.10
C SER C 44 13.43 -4.39 5.71
N LEU C 45 13.03 -5.32 4.85
CA LEU C 45 11.64 -5.44 4.42
C LEU C 45 10.76 -5.63 5.64
N GLU C 46 11.21 -6.47 6.57
CA GLU C 46 10.46 -6.77 7.78
C GLU C 46 10.21 -5.53 8.64
N GLU C 47 11.25 -4.71 8.82
CA GLU C 47 11.10 -3.49 9.60
C GLU C 47 10.18 -2.51 8.86
N TYR C 48 10.32 -2.45 7.54
CA TYR C 48 9.47 -1.56 6.75
C TYR C 48 8.00 -1.98 6.92
N ASN C 49 7.73 -3.27 6.79
CA ASN C 49 6.37 -3.78 6.91
C ASN C 49 5.73 -3.43 8.24
N SER C 50 6.48 -3.56 9.33
CA SER C 50 5.92 -3.25 10.63
C SER C 50 5.63 -1.77 10.76
N LEU C 51 6.54 -0.94 10.27
CA LEU C 51 6.38 0.51 10.34
C LEU C 51 5.22 1.00 9.49
N GLU C 52 5.11 0.50 8.26
CA GLU C 52 4.02 0.90 7.35
C GLU C 52 2.66 0.48 7.92
N GLU C 53 2.55 -0.75 8.38
CA GLU C 53 1.31 -1.23 8.95
C GLU C 53 0.89 -0.40 10.17
N THR C 54 1.86 -0.01 10.99
CA THR C 54 1.59 0.80 12.18
C THR C 54 1.05 2.16 11.76
N ALA C 55 1.75 2.79 10.82
CA ALA C 55 1.34 4.09 10.31
C ALA C 55 -0.04 3.98 9.66
N TYR C 56 -0.27 2.92 8.88
CA TYR C 56 -1.56 2.71 8.22
C TYR C 56 -2.73 2.75 9.20
N LEU C 57 -2.61 1.99 10.29
CA LEU C 57 -3.66 1.91 11.31
C LEU C 57 -3.96 3.23 12.00
N LEU C 58 -2.97 4.11 12.05
CA LEU C 58 -3.15 5.39 12.71
C LEU C 58 -3.37 6.53 11.72
N ARG C 59 -3.21 6.25 10.43
CA ARG C 59 -3.37 7.28 9.40
C ARG C 59 -4.79 7.88 9.39
N SER C 60 -5.80 7.05 9.54
CA SER C 60 -7.18 7.54 9.57
C SER C 60 -7.50 8.00 10.99
N PRO C 61 -7.70 9.32 11.19
CA PRO C 61 -8.01 9.89 12.52
C PRO C 61 -9.06 9.11 13.30
N ALA C 62 -10.17 8.78 12.64
CA ALA C 62 -11.25 8.03 13.28
C ALA C 62 -10.78 6.64 13.71
N ASN C 63 -9.95 6.00 12.88
CA ASN C 63 -9.48 4.68 13.24
C ASN C 63 -8.50 4.73 14.41
N ALA C 64 -7.59 5.70 14.39
CA ALA C 64 -6.62 5.84 15.46
C ALA C 64 -7.34 6.05 16.79
N ARG C 65 -8.38 6.87 16.75
CA ARG C 65 -9.18 7.18 17.92
C ARG C 65 -9.78 5.91 18.53
N ARG C 66 -10.51 5.14 17.71
CA ARG C 66 -11.13 3.90 18.19
C ARG C 66 -10.11 2.89 18.66
N LEU C 67 -9.01 2.76 17.91
CA LEU C 67 -7.99 1.80 18.24
C LEU C 67 -7.35 2.11 19.58
N MET C 68 -7.08 3.38 19.82
CA MET C 68 -6.47 3.79 21.09
C MET C 68 -7.47 3.60 22.25
N ASP C 69 -8.72 4.00 22.04
CA ASP C 69 -9.71 3.82 23.09
C ASP C 69 -9.87 2.34 23.39
N SER C 70 -9.88 1.53 22.33
CA SER C 70 -10.02 0.09 22.47
C SER C 70 -8.85 -0.52 23.25
N ILE C 71 -7.64 -0.13 22.89
CA ILE C 71 -6.45 -0.64 23.54
C ILE C 71 -6.42 -0.26 25.01
N ASP C 72 -6.79 0.98 25.33
CA ASP C 72 -6.80 1.43 26.72
C ASP C 72 -7.78 0.63 27.58
N SER C 73 -8.92 0.26 26.99
CA SER C 73 -9.91 -0.52 27.72
C SER C 73 -9.38 -1.92 27.99
N LEU C 74 -8.72 -2.50 26.99
CA LEU C 74 -8.17 -3.83 27.10
C LEU C 74 -7.08 -3.87 28.16
N LYS C 75 -6.19 -2.89 28.13
CA LYS C 75 -5.10 -2.81 29.10
C LYS C 75 -5.66 -2.55 30.51
N SER C 76 -6.78 -1.83 30.58
CA SER C 76 -7.42 -1.52 31.85
C SER C 76 -8.18 -2.74 32.38
N GLY C 77 -8.18 -3.82 31.61
CA GLY C 77 -8.86 -5.03 32.01
C GLY C 77 -10.38 -4.93 31.93
N LYS C 78 -10.87 -4.08 31.04
CA LYS C 78 -12.30 -3.90 30.87
C LYS C 78 -12.86 -4.75 29.74
N GLY C 79 -11.99 -5.55 29.11
CA GLY C 79 -12.45 -6.40 28.02
C GLY C 79 -13.46 -7.42 28.50
N THR C 80 -14.25 -7.95 27.57
CA THR C 80 -15.27 -8.96 27.89
C THR C 80 -15.05 -10.25 27.12
N GLU C 81 -15.09 -11.38 27.82
CA GLU C 81 -14.90 -12.66 27.17
C GLU C 81 -16.14 -13.00 26.35
N LYS C 82 -15.93 -13.29 25.08
CA LYS C 82 -17.02 -13.62 24.15
C LYS C 82 -16.54 -14.64 23.15
N ASP C 83 -17.37 -15.64 22.89
CA ASP C 83 -17.01 -16.68 21.92
C ASP C 83 -17.37 -16.15 20.53
N ILE C 84 -16.73 -16.70 19.50
CA ILE C 84 -17.04 -16.26 18.14
C ILE C 84 -18.44 -16.73 17.79
N ILE C 85 -19.04 -16.06 16.81
CA ILE C 85 -20.38 -16.42 16.36
C ILE C 85 -20.20 -16.97 14.94
N GLU C 86 -20.31 -18.29 14.82
CA GLU C 86 -20.15 -18.95 13.54
C GLU C 86 -21.37 -18.64 12.66
N GLY D 1 2.09 3.16 -8.72
CA GLY D 1 1.91 3.07 -7.23
C GLY D 1 0.59 2.41 -6.85
N PRO D 2 0.43 1.97 -5.60
CA PRO D 2 1.43 2.07 -4.51
C PRO D 2 2.51 0.98 -4.52
N HIS D 3 2.20 -0.20 -5.04
CA HIS D 3 3.17 -1.29 -5.06
C HIS D 3 4.59 -0.84 -5.39
N MET D 4 5.48 -1.00 -4.41
CA MET D 4 6.87 -0.59 -4.55
C MET D 4 7.59 -0.99 -5.82
N ARG D 5 8.32 -0.03 -6.39
CA ARG D 5 9.13 -0.31 -7.57
C ARG D 5 10.09 -1.36 -7.01
N THR D 6 10.27 -2.46 -7.74
CA THR D 6 11.15 -3.52 -7.27
C THR D 6 12.35 -3.69 -8.19
N ILE D 7 13.53 -3.80 -7.60
CA ILE D 7 14.75 -3.99 -8.38
C ILE D 7 15.64 -5.00 -7.67
N SER D 8 16.51 -5.64 -8.44
CA SER D 8 17.41 -6.64 -7.89
C SER D 8 18.62 -5.98 -7.26
N TYR D 9 19.30 -6.74 -6.40
CA TYR D 9 20.50 -6.25 -5.76
C TYR D 9 21.50 -5.78 -6.82
N SER D 10 21.68 -6.58 -7.87
CA SER D 10 22.63 -6.28 -8.93
C SER D 10 22.42 -4.91 -9.56
N GLU D 11 21.16 -4.54 -9.76
CA GLU D 11 20.84 -3.25 -10.35
C GLU D 11 21.21 -2.16 -9.34
N ALA D 12 20.78 -2.35 -8.10
CA ALA D 12 21.06 -1.38 -7.04
C ALA D 12 22.56 -1.20 -6.85
N ARG D 13 23.30 -2.31 -6.89
CA ARG D 13 24.74 -2.27 -6.72
C ARG D 13 25.45 -1.58 -7.88
N GLN D 14 24.94 -1.80 -9.09
CA GLN D 14 25.53 -1.21 -10.29
C GLN D 14 25.34 0.32 -10.36
N ASN D 15 24.22 0.82 -9.85
CA ASN D 15 23.97 2.26 -9.86
C ASN D 15 23.09 2.70 -8.69
N LEU D 16 23.70 2.70 -7.51
CA LEU D 16 23.03 3.07 -6.27
C LEU D 16 22.50 4.51 -6.29
N SER D 17 23.25 5.42 -6.88
CA SER D 17 22.84 6.82 -6.94
C SER D 17 21.55 7.01 -7.72
N ALA D 18 21.43 6.29 -8.83
CA ALA D 18 20.23 6.38 -9.65
C ALA D 18 19.04 5.83 -8.86
N THR D 19 19.29 4.75 -8.13
CA THR D 19 18.24 4.12 -7.32
C THR D 19 17.73 5.11 -6.25
N MET D 20 18.65 5.75 -5.55
CA MET D 20 18.28 6.73 -4.52
C MET D 20 17.48 7.85 -5.17
N MET D 21 17.93 8.25 -6.36
CA MET D 21 17.29 9.30 -7.14
C MET D 21 15.81 8.95 -7.38
N LYS D 22 15.55 7.74 -7.87
CA LYS D 22 14.19 7.29 -8.16
C LYS D 22 13.31 7.39 -6.92
N ALA D 23 13.79 6.84 -5.80
CA ALA D 23 13.06 6.83 -4.55
C ALA D 23 12.60 8.22 -4.15
N VAL D 24 13.50 9.18 -4.28
CA VAL D 24 13.19 10.57 -3.93
C VAL D 24 12.25 11.19 -4.96
N GLU D 25 12.49 10.91 -6.24
CA GLU D 25 11.70 11.45 -7.32
C GLU D 25 10.20 11.21 -7.19
N ASP D 26 9.79 9.94 -7.23
CA ASP D 26 8.37 9.62 -7.12
C ASP D 26 7.87 9.47 -5.69
N HIS D 27 8.71 9.85 -4.73
CA HIS D 27 8.38 9.80 -3.32
C HIS D 27 7.74 8.49 -2.90
N ALA D 28 8.34 7.37 -3.32
CA ALA D 28 7.84 6.05 -2.98
C ALA D 28 9.05 5.16 -2.73
N PRO D 29 8.96 4.25 -1.76
CA PRO D 29 10.08 3.36 -1.46
C PRO D 29 10.35 2.32 -2.54
N ILE D 30 11.61 1.87 -2.60
CA ILE D 30 12.03 0.88 -3.58
C ILE D 30 12.48 -0.39 -2.87
N LEU D 31 11.96 -1.52 -3.33
CA LEU D 31 12.31 -2.82 -2.75
C LEU D 31 13.52 -3.38 -3.48
N ILE D 32 14.57 -3.71 -2.74
CA ILE D 32 15.78 -4.28 -3.32
C ILE D 32 15.90 -5.73 -2.90
N THR D 33 15.73 -6.62 -3.87
CA THR D 33 15.75 -8.05 -3.62
C THR D 33 17.13 -8.68 -3.73
N ARG D 34 17.36 -9.73 -2.95
CA ARG D 34 18.63 -10.44 -2.98
C ARG D 34 18.38 -11.89 -3.35
N GLN D 35 19.38 -12.52 -3.98
CA GLN D 35 19.26 -13.91 -4.41
C GLN D 35 18.94 -14.88 -3.28
N ASN D 36 19.36 -14.55 -2.07
CA ASN D 36 19.10 -15.45 -0.94
C ASN D 36 17.68 -15.30 -0.42
N GLY D 37 16.92 -14.40 -1.03
CA GLY D 37 15.54 -14.19 -0.62
C GLY D 37 15.29 -12.98 0.26
N GLU D 38 16.32 -12.47 0.92
CA GLU D 38 16.15 -11.32 1.78
C GLU D 38 15.97 -10.05 0.95
N ALA D 39 15.50 -8.98 1.58
CA ALA D 39 15.31 -7.74 0.86
C ALA D 39 15.25 -6.57 1.81
N CYS D 40 15.58 -5.40 1.31
CA CYS D 40 15.54 -4.18 2.10
C CYS D 40 14.72 -3.19 1.31
N VAL D 41 14.24 -2.16 1.98
CA VAL D 41 13.45 -1.10 1.35
C VAL D 41 14.25 0.19 1.44
N LEU D 42 14.39 0.89 0.31
CA LEU D 42 15.11 2.15 0.26
C LEU D 42 14.09 3.26 0.07
N MET D 43 14.17 4.28 0.91
CA MET D 43 13.20 5.35 0.91
C MET D 43 13.90 6.70 1.14
N SER D 44 13.28 7.79 0.72
CA SER D 44 13.88 9.11 0.94
C SER D 44 13.71 9.41 2.43
N LEU D 45 14.66 10.16 3.00
CA LEU D 45 14.57 10.51 4.40
C LEU D 45 13.23 11.18 4.70
N GLU D 46 12.78 11.99 3.75
CA GLU D 46 11.52 12.70 3.88
C GLU D 46 10.36 11.74 4.12
N GLU D 47 10.24 10.73 3.25
CA GLU D 47 9.16 9.77 3.40
C GLU D 47 9.31 9.00 4.71
N TYR D 48 10.53 8.65 5.08
CA TYR D 48 10.77 7.92 6.32
C TYR D 48 10.23 8.67 7.53
N ASN D 49 10.61 9.94 7.66
CA ASN D 49 10.16 10.76 8.79
C ASN D 49 8.64 10.90 8.86
N SER D 50 8.00 11.09 7.71
CA SER D 50 6.55 11.24 7.68
C SER D 50 5.94 9.94 8.17
N LEU D 51 6.53 8.84 7.73
CA LEU D 51 6.07 7.52 8.08
C LEU D 51 6.20 7.34 9.59
N GLU D 52 7.36 7.70 10.12
CA GLU D 52 7.58 7.57 11.55
C GLU D 52 6.67 8.50 12.35
N GLU D 53 6.46 9.73 11.84
CA GLU D 53 5.61 10.68 12.53
C GLU D 53 4.20 10.13 12.64
N THR D 54 3.70 9.54 11.56
CA THR D 54 2.36 8.97 11.56
C THR D 54 2.28 7.82 12.56
N ALA D 55 3.30 6.96 12.55
CA ALA D 55 3.35 5.83 13.45
C ALA D 55 3.43 6.25 14.91
N TYR D 56 4.02 7.42 15.15
CA TYR D 56 4.16 7.97 16.50
C TYR D 56 2.86 8.61 16.96
N LEU D 57 1.92 8.79 16.02
CA LEU D 57 0.64 9.41 16.32
C LEU D 57 0.85 10.88 16.73
N LEU D 58 1.90 11.48 16.18
CA LEU D 58 2.24 12.87 16.47
C LEU D 58 1.21 13.82 15.85
N MET E 1 0.32 25.32 -21.19
CA MET E 1 -0.94 24.66 -20.73
C MET E 1 -1.55 25.44 -19.58
N LYS E 2 -2.86 25.63 -19.61
CA LYS E 2 -3.57 26.36 -18.57
C LYS E 2 -3.87 25.55 -17.33
N LEU E 3 -4.00 26.23 -16.19
CA LEU E 3 -4.30 25.58 -14.92
C LEU E 3 -5.71 25.88 -14.45
N ILE E 4 -6.58 24.88 -14.52
CA ILE E 4 -7.96 25.03 -14.09
C ILE E 4 -8.16 24.24 -12.80
N TRP E 5 -8.79 24.88 -11.80
CA TRP E 5 -9.02 24.24 -10.52
C TRP E 5 -10.48 24.21 -10.17
N SER E 6 -10.87 23.27 -9.31
CA SER E 6 -12.24 23.19 -8.86
C SER E 6 -12.20 23.92 -7.52
N GLU E 7 -13.36 24.12 -6.89
CA GLU E 7 -13.34 24.79 -5.60
C GLU E 7 -12.60 23.88 -4.61
N GLU E 8 -12.84 22.58 -4.74
CA GLU E 8 -12.20 21.59 -3.88
C GLU E 8 -10.68 21.68 -3.93
N SER E 9 -10.12 21.62 -5.14
CA SER E 9 -8.66 21.64 -5.31
C SER E 9 -8.08 23.00 -5.00
N TRP E 10 -8.88 24.05 -5.22
CA TRP E 10 -8.41 25.40 -4.94
C TRP E 10 -8.32 25.59 -3.43
N ASP E 11 -9.33 25.09 -2.71
CA ASP E 11 -9.30 25.18 -1.26
C ASP E 11 -8.10 24.37 -0.76
N ASP E 12 -7.91 23.18 -1.32
CA ASP E 12 -6.80 22.31 -0.93
C ASP E 12 -5.50 23.09 -1.05
N TYR E 13 -5.28 23.66 -2.24
CA TYR E 13 -4.08 24.43 -2.55
C TYR E 13 -3.82 25.59 -1.60
N LEU E 14 -4.87 26.36 -1.30
CA LEU E 14 -4.73 27.49 -0.39
C LEU E 14 -4.49 27.02 1.04
N TYR E 15 -5.08 25.89 1.39
CA TYR E 15 -4.91 25.31 2.71
C TYR E 15 -3.42 25.13 2.94
N TRP E 16 -2.75 24.49 1.98
CA TRP E 16 -1.32 24.26 2.07
C TRP E 16 -0.57 25.59 2.06
N GLN E 17 -1.11 26.53 1.29
CA GLN E 17 -0.51 27.85 1.16
C GLN E 17 -0.38 28.54 2.51
N GLU E 18 -1.38 28.35 3.36
CA GLU E 18 -1.40 28.95 4.68
C GLU E 18 -1.18 27.93 5.79
N THR E 19 -0.66 26.75 5.44
CA THR E 19 -0.42 25.70 6.41
C THR E 19 0.98 25.10 6.38
N ASP E 20 1.43 24.72 5.18
CA ASP E 20 2.76 24.13 5.04
C ASP E 20 3.34 24.48 3.68
N LYS E 21 4.20 25.48 3.66
CA LYS E 21 4.83 25.94 2.43
C LYS E 21 5.68 24.85 1.78
N ARG E 22 6.17 23.92 2.59
CA ARG E 22 6.98 22.83 2.08
C ARG E 22 6.17 21.99 1.10
N ILE E 23 4.91 21.75 1.45
CA ILE E 23 4.00 20.98 0.62
C ILE E 23 3.65 21.77 -0.64
N VAL E 24 3.60 23.09 -0.51
CA VAL E 24 3.27 23.96 -1.64
C VAL E 24 4.31 23.76 -2.73
N LYS E 25 5.58 23.85 -2.35
CA LYS E 25 6.67 23.68 -3.29
C LYS E 25 6.63 22.34 -4.00
N LYS E 26 6.20 21.30 -3.28
CA LYS E 26 6.13 19.98 -3.88
C LYS E 26 5.03 19.96 -4.95
N ILE E 27 3.89 20.55 -4.62
CA ILE E 27 2.77 20.62 -5.55
C ILE E 27 3.17 21.38 -6.81
N ASN E 28 3.83 22.52 -6.64
CA ASN E 28 4.26 23.32 -7.79
C ASN E 28 5.22 22.54 -8.68
N GLU E 29 6.14 21.79 -8.07
CA GLU E 29 7.10 21.00 -8.82
C GLU E 29 6.37 19.96 -9.65
N LEU E 30 5.38 19.33 -9.05
CA LEU E 30 4.60 18.31 -9.75
C LEU E 30 3.81 18.91 -10.90
N ILE E 31 3.19 20.06 -10.65
CA ILE E 31 2.41 20.74 -11.68
C ILE E 31 3.32 21.15 -12.84
N LYS E 32 4.48 21.71 -12.52
CA LYS E 32 5.43 22.12 -13.54
C LYS E 32 5.93 20.92 -14.34
N ASP E 33 6.07 19.78 -13.68
CA ASP E 33 6.55 18.58 -14.35
C ASP E 33 5.46 17.97 -15.22
N THR E 34 4.24 17.93 -14.70
CA THR E 34 3.11 17.37 -15.44
C THR E 34 2.87 18.25 -16.67
N ARG E 35 3.03 19.55 -16.46
CA ARG E 35 2.85 20.54 -17.52
C ARG E 35 3.78 20.21 -18.67
N ARG E 36 5.00 19.80 -18.32
CA ARG E 36 6.03 19.45 -19.29
C ARG E 36 5.71 18.09 -19.90
N THR E 37 5.46 17.10 -19.04
CA THR E 37 5.14 15.74 -19.48
C THR E 37 3.93 15.23 -18.69
N PRO E 38 2.72 15.54 -19.18
CA PRO E 38 1.43 15.16 -18.59
C PRO E 38 1.27 13.72 -18.09
N PHE E 39 1.85 12.76 -18.80
CA PHE E 39 1.69 11.37 -18.41
C PHE E 39 2.96 10.66 -17.94
N GLU E 40 4.03 11.42 -17.69
CA GLU E 40 5.28 10.82 -17.24
C GLU E 40 6.07 11.76 -16.34
N GLY E 41 7.01 11.19 -15.59
CA GLY E 41 7.83 12.01 -14.70
C GLY E 41 7.66 11.79 -13.21
N LYS E 42 7.88 12.87 -12.46
CA LYS E 42 7.81 12.87 -11.00
C LYS E 42 6.48 12.48 -10.39
N GLY E 43 6.56 11.87 -9.21
CA GLY E 43 5.36 11.49 -8.48
C GLY E 43 4.73 10.18 -8.90
N LYS E 44 5.44 9.41 -9.73
CA LYS E 44 4.93 8.11 -10.17
C LYS E 44 3.51 8.27 -10.71
N PRO E 45 3.36 8.96 -11.85
CA PRO E 45 2.06 9.20 -12.48
C PRO E 45 1.27 7.91 -12.70
N GLU E 46 0.01 7.92 -12.29
CA GLU E 46 -0.81 6.73 -12.44
C GLU E 46 -2.20 7.03 -13.00
N PRO E 47 -2.60 6.30 -14.06
CA PRO E 47 -3.92 6.50 -14.68
C PRO E 47 -4.99 5.85 -13.80
N LEU E 48 -6.13 6.51 -13.64
CA LEU E 48 -7.20 6.00 -12.80
C LEU E 48 -8.29 5.26 -13.57
N LYS E 49 -9.02 4.39 -12.87
CA LYS E 49 -10.06 3.58 -13.51
C LYS E 49 -11.51 3.90 -13.13
N HIS E 50 -12.41 3.21 -13.82
CA HIS E 50 -13.85 3.32 -13.62
C HIS E 50 -14.32 4.76 -13.51
N ASN E 51 -15.14 5.06 -12.51
CA ASN E 51 -15.65 6.42 -12.35
C ASN E 51 -14.58 7.51 -12.42
N LEU E 52 -13.31 7.14 -12.25
CA LEU E 52 -12.22 8.11 -12.32
C LEU E 52 -11.49 8.07 -13.66
N SER E 53 -12.00 7.30 -14.61
CA SER E 53 -11.36 7.18 -15.92
C SER E 53 -11.05 8.55 -16.49
N GLY E 54 -9.87 8.68 -17.09
CA GLY E 54 -9.49 9.95 -17.68
C GLY E 54 -8.60 10.75 -16.74
N PHE E 55 -8.69 10.48 -15.44
CA PHE E 55 -7.85 11.22 -14.51
C PHE E 55 -6.60 10.46 -14.10
N TRP E 56 -5.62 11.22 -13.62
CA TRP E 56 -4.33 10.70 -13.21
C TRP E 56 -3.98 11.12 -11.79
N SER E 57 -3.05 10.38 -11.18
CA SER E 57 -2.63 10.66 -9.81
C SER E 57 -1.13 10.64 -9.63
N ARG E 58 -0.60 11.66 -8.95
CA ARG E 58 0.83 11.74 -8.65
C ARG E 58 1.01 11.95 -7.16
N ARG E 59 2.14 11.47 -6.64
CA ARG E 59 2.46 11.55 -5.22
C ARG E 59 3.05 12.85 -4.70
N ILE E 60 2.31 13.53 -3.83
CA ILE E 60 2.79 14.75 -3.19
C ILE E 60 3.54 14.21 -1.97
N THR E 61 2.88 13.32 -1.22
CA THR E 61 3.46 12.64 -0.06
C THR E 61 2.86 11.24 -0.12
N GLU E 62 3.27 10.35 0.78
CA GLU E 62 2.71 9.01 0.75
C GLU E 62 1.20 9.05 0.95
N GLU E 63 0.71 10.18 1.42
CA GLU E 63 -0.70 10.33 1.68
C GLU E 63 -1.43 11.22 0.66
N HIS E 64 -0.88 12.40 0.41
CA HIS E 64 -1.51 13.34 -0.51
C HIS E 64 -1.15 13.14 -1.97
N ARG E 65 -2.16 13.26 -2.83
CA ARG E 65 -2.01 13.06 -4.25
C ARG E 65 -2.51 14.24 -5.08
N LEU E 66 -1.84 14.49 -6.18
CA LEU E 66 -2.23 15.53 -7.11
C LEU E 66 -3.05 14.74 -8.14
N VAL E 67 -4.36 14.94 -8.14
CA VAL E 67 -5.24 14.26 -9.08
C VAL E 67 -5.56 15.23 -10.20
N TYR E 68 -5.51 14.77 -11.44
CA TYR E 68 -5.74 15.67 -12.57
C TYR E 68 -6.09 14.96 -13.88
N ALA E 69 -6.61 15.73 -14.81
CA ALA E 69 -6.96 15.22 -16.13
C ALA E 69 -6.33 16.20 -17.13
N VAL E 70 -6.24 15.79 -18.39
CA VAL E 70 -5.65 16.64 -19.41
C VAL E 70 -6.53 16.72 -20.66
N THR E 71 -6.80 17.94 -21.08
CA THR E 71 -7.60 18.17 -22.29
C THR E 71 -6.62 18.62 -23.36
N ASP E 72 -7.12 18.82 -24.58
CA ASP E 72 -6.28 19.25 -25.66
C ASP E 72 -5.77 20.68 -25.41
N ASP E 73 -6.28 21.31 -24.37
CA ASP E 73 -5.89 22.68 -24.07
C ASP E 73 -5.32 22.98 -22.68
N SER E 74 -5.77 22.26 -21.65
CA SER E 74 -5.26 22.56 -20.31
C SER E 74 -5.17 21.40 -19.32
N LEU E 75 -4.76 21.75 -18.10
CA LEU E 75 -4.59 20.80 -17.02
C LEU E 75 -5.67 21.01 -15.96
N LEU E 76 -6.53 20.02 -15.79
CA LEU E 76 -7.62 20.10 -14.82
C LEU E 76 -7.19 19.48 -13.49
N ILE E 77 -7.06 20.30 -12.47
CA ILE E 77 -6.66 19.82 -11.15
C ILE E 77 -7.87 19.47 -10.29
N ALA E 78 -8.02 18.17 -10.02
CA ALA E 78 -9.13 17.68 -9.22
C ALA E 78 -8.82 17.70 -7.72
N ALA E 79 -7.54 17.61 -7.36
CA ALA E 79 -7.18 17.63 -5.95
C ALA E 79 -5.68 17.71 -5.69
N CYS E 80 -5.33 18.16 -4.49
CA CYS E 80 -3.94 18.24 -4.09
C CYS E 80 -3.81 18.00 -2.59
N ARG E 81 -4.82 17.34 -2.03
CA ARG E 81 -4.87 16.99 -0.60
C ARG E 81 -5.78 15.77 -0.45
N TYR E 82 -5.45 14.87 0.48
CA TYR E 82 -6.25 13.67 0.72
C TYR E 82 -7.07 13.92 1.99
N HIS E 83 -8.37 13.59 1.92
CA HIS E 83 -9.27 13.86 3.04
C HIS E 83 -9.86 12.67 3.77
N TYR E 84 -10.00 12.81 5.09
CA TYR E 84 -10.60 11.79 5.92
C TYR E 84 -11.87 12.39 6.52
N MET F 1 -6.60 -20.18 25.47
CA MET F 1 -6.82 -18.96 24.64
C MET F 1 -8.29 -18.54 24.62
N LYS F 2 -8.65 -17.62 25.50
CA LYS F 2 -10.02 -17.13 25.53
C LYS F 2 -10.07 -15.80 24.78
N LEU F 3 -11.19 -15.53 24.13
CA LEU F 3 -11.37 -14.32 23.34
C LEU F 3 -11.91 -13.16 24.15
N ILE F 4 -11.08 -12.14 24.33
CA ILE F 4 -11.46 -10.94 25.07
C ILE F 4 -11.68 -9.78 24.09
N TRP F 5 -12.83 -9.13 24.18
CA TRP F 5 -13.15 -8.02 23.28
C TRP F 5 -13.43 -6.73 24.03
N SER F 6 -13.18 -5.61 23.37
CA SER F 6 -13.48 -4.30 23.95
C SER F 6 -14.86 -3.98 23.39
N GLU F 7 -15.45 -2.86 23.80
CA GLU F 7 -16.76 -2.49 23.27
C GLU F 7 -16.62 -2.22 21.78
N GLU F 8 -15.53 -1.56 21.41
CA GLU F 8 -15.26 -1.22 20.02
C GLU F 8 -15.13 -2.44 19.10
N SER F 9 -14.30 -3.41 19.49
CA SER F 9 -14.11 -4.58 18.64
C SER F 9 -15.32 -5.51 18.59
N TRP F 10 -16.07 -5.60 19.69
CA TRP F 10 -17.26 -6.44 19.68
C TRP F 10 -18.28 -5.76 18.77
N ASP F 11 -18.27 -4.43 18.77
CA ASP F 11 -19.18 -3.68 17.91
C ASP F 11 -18.77 -3.92 16.46
N ASP F 12 -17.45 -3.90 16.21
CA ASP F 12 -16.93 -4.16 14.88
C ASP F 12 -17.44 -5.53 14.43
N TYR F 13 -17.30 -6.50 15.32
CA TYR F 13 -17.71 -7.87 15.05
C TYR F 13 -19.19 -8.02 14.74
N LEU F 14 -20.05 -7.40 15.55
CA LEU F 14 -21.49 -7.48 15.34
C LEU F 14 -21.88 -6.76 14.06
N TYR F 15 -21.16 -5.69 13.73
CA TYR F 15 -21.44 -4.97 12.50
C TYR F 15 -21.29 -5.97 11.35
N TRP F 16 -20.19 -6.73 11.36
CA TRP F 16 -19.94 -7.71 10.30
C TRP F 16 -21.01 -8.78 10.28
N GLN F 17 -21.41 -9.22 11.48
CA GLN F 17 -22.41 -10.26 11.62
C GLN F 17 -23.71 -9.88 10.90
N GLU F 18 -24.11 -8.62 11.01
CA GLU F 18 -25.35 -8.16 10.37
C GLU F 18 -25.10 -7.46 9.02
N THR F 19 -23.86 -7.50 8.55
CA THR F 19 -23.51 -6.84 7.29
C THR F 19 -22.98 -7.81 6.23
N ASP F 20 -21.92 -8.53 6.55
CA ASP F 20 -21.33 -9.44 5.58
C ASP F 20 -20.86 -10.74 6.21
N LYS F 21 -21.61 -11.81 5.99
CA LYS F 21 -21.28 -13.12 6.52
C LYS F 21 -19.90 -13.63 6.13
N ARG F 22 -19.47 -13.34 4.90
CA ARG F 22 -18.16 -13.83 4.48
C ARG F 22 -17.02 -13.11 5.18
N ILE F 23 -17.25 -11.88 5.62
CA ILE F 23 -16.20 -11.15 6.33
C ILE F 23 -16.14 -11.79 7.71
N VAL F 24 -17.30 -12.23 8.19
CA VAL F 24 -17.40 -12.90 9.48
C VAL F 24 -16.59 -14.19 9.41
N LYS F 25 -16.72 -14.91 8.31
CA LYS F 25 -15.99 -16.16 8.14
C LYS F 25 -14.49 -15.94 8.12
N LYS F 26 -14.03 -14.89 7.43
CA LYS F 26 -12.60 -14.62 7.40
C LYS F 26 -12.10 -14.29 8.80
N ILE F 27 -12.84 -13.44 9.52
CA ILE F 27 -12.44 -13.09 10.89
C ILE F 27 -12.36 -14.35 11.75
N ASN F 28 -13.39 -15.19 11.69
CA ASN F 28 -13.38 -16.41 12.47
C ASN F 28 -12.21 -17.34 12.06
N GLU F 29 -11.89 -17.39 10.78
CA GLU F 29 -10.78 -18.21 10.31
C GLU F 29 -9.49 -17.66 10.93
N LEU F 30 -9.33 -16.35 10.88
CA LEU F 30 -8.13 -15.71 11.43
C LEU F 30 -7.98 -15.94 12.93
N ILE F 31 -9.08 -15.81 13.66
CA ILE F 31 -9.05 -16.01 15.10
C ILE F 31 -8.67 -17.45 15.46
N LYS F 32 -9.23 -18.40 14.74
CA LYS F 32 -8.92 -19.80 14.99
C LYS F 32 -7.44 -20.03 14.73
N ASP F 33 -6.95 -19.48 13.62
CA ASP F 33 -5.53 -19.62 13.26
C ASP F 33 -4.64 -18.95 14.30
N THR F 34 -5.05 -17.76 14.73
CA THR F 34 -4.28 -17.00 15.71
C THR F 34 -4.21 -17.75 17.05
N ARG F 35 -5.30 -18.40 17.43
CA ARG F 35 -5.33 -19.15 18.68
C ARG F 35 -4.29 -20.28 18.63
N ARG F 36 -4.18 -20.92 17.48
CA ARG F 36 -3.24 -22.02 17.27
C ARG F 36 -1.79 -21.49 17.25
N THR F 37 -1.53 -20.46 16.44
CA THR F 37 -0.20 -19.86 16.35
C THR F 37 -0.44 -18.34 16.30
N PRO F 38 -0.45 -17.70 17.48
CA PRO F 38 -0.67 -16.26 17.65
C PRO F 38 0.17 -15.31 16.83
N PHE F 39 1.44 -15.68 16.60
CA PHE F 39 2.32 -14.79 15.87
C PHE F 39 2.71 -15.19 14.46
N GLU F 40 2.09 -16.24 13.94
CA GLU F 40 2.39 -16.69 12.58
C GLU F 40 1.13 -17.24 11.94
N GLY F 41 1.14 -17.32 10.61
CA GLY F 41 0.00 -17.86 9.90
C GLY F 41 -0.71 -16.94 8.93
N LYS F 42 -2.00 -17.19 8.77
CA LYS F 42 -2.86 -16.44 7.86
C LYS F 42 -2.99 -14.94 8.12
N GLY F 43 -3.12 -14.17 7.04
CA GLY F 43 -3.30 -12.74 7.18
C GLY F 43 -2.06 -11.90 7.37
N LYS F 44 -0.89 -12.47 7.08
CA LYS F 44 0.38 -11.76 7.20
C LYS F 44 0.52 -11.01 8.53
N PRO F 45 0.49 -11.72 9.66
CA PRO F 45 0.62 -11.02 10.94
C PRO F 45 1.83 -10.10 10.99
N GLU F 46 1.60 -8.88 11.48
CA GLU F 46 2.66 -7.87 11.59
C GLU F 46 2.73 -7.30 13.01
N PRO F 47 3.93 -7.25 13.60
CA PRO F 47 4.02 -6.69 14.96
C PRO F 47 3.92 -5.17 14.80
N LEU F 48 3.21 -4.50 15.70
CA LEU F 48 3.06 -3.06 15.60
C LEU F 48 4.03 -2.29 16.50
N LYS F 49 4.31 -1.05 16.12
CA LYS F 49 5.26 -0.20 16.83
C LYS F 49 4.68 0.93 17.67
N HIS F 50 5.57 1.58 18.41
CA HIS F 50 5.24 2.70 19.27
C HIS F 50 4.02 2.50 20.17
N ASN F 51 3.05 3.40 20.07
CA ASN F 51 1.85 3.31 20.90
C ASN F 51 1.07 2.00 20.71
N LEU F 52 1.35 1.32 19.60
CA LEU F 52 0.68 0.06 19.32
C LEU F 52 1.58 -1.12 19.68
N SER F 53 2.69 -0.86 20.36
CA SER F 53 3.62 -1.92 20.75
C SER F 53 2.91 -2.98 21.57
N GLY F 54 3.19 -4.24 21.28
CA GLY F 54 2.55 -5.32 21.99
C GLY F 54 1.38 -5.90 21.21
N PHE F 55 0.84 -5.13 20.26
CA PHE F 55 -0.26 -5.62 19.45
C PHE F 55 0.21 -6.05 18.07
N TRP F 56 -0.62 -6.83 17.40
CA TRP F 56 -0.34 -7.38 16.08
C TRP F 56 -1.51 -7.13 15.14
N SER F 57 -1.22 -7.11 13.85
CA SER F 57 -2.24 -6.87 12.84
C SER F 57 -2.24 -7.96 11.77
N ARG F 58 -3.42 -8.49 11.50
CA ARG F 58 -3.59 -9.51 10.46
C ARG F 58 -4.66 -8.98 9.50
N ARG F 59 -4.51 -9.28 8.22
CA ARG F 59 -5.42 -8.79 7.20
C ARG F 59 -6.72 -9.54 7.03
N ILE F 60 -7.82 -8.82 7.17
CA ILE F 60 -9.14 -9.40 6.96
C ILE F 60 -9.42 -9.16 5.46
N THR F 61 -9.23 -7.91 5.03
CA THR F 61 -9.36 -7.54 3.63
C THR F 61 -8.18 -6.60 3.42
N GLU F 62 -8.08 -5.98 2.25
CA GLU F 62 -6.95 -5.08 2.03
C GLU F 62 -7.09 -3.81 2.87
N GLU F 63 -8.25 -3.61 3.50
CA GLU F 63 -8.38 -2.43 4.33
C GLU F 63 -8.68 -2.74 5.80
N HIS F 64 -9.48 -3.78 6.05
CA HIS F 64 -9.82 -4.15 7.43
C HIS F 64 -8.77 -5.05 8.06
N ARG F 65 -8.51 -4.81 9.35
CA ARG F 65 -7.50 -5.56 10.09
C ARG F 65 -7.96 -6.10 11.43
N LEU F 66 -7.49 -7.30 11.75
CA LEU F 66 -7.78 -7.92 13.03
C LEU F 66 -6.57 -7.48 13.84
N VAL F 67 -6.78 -6.57 14.79
CA VAL F 67 -5.68 -6.07 15.62
C VAL F 67 -5.83 -6.72 16.99
N TYR F 68 -4.75 -7.30 17.51
CA TYR F 68 -4.82 -8.01 18.77
C TYR F 68 -3.49 -8.12 19.52
N ALA F 69 -3.59 -8.47 20.80
CA ALA F 69 -2.43 -8.68 21.66
C ALA F 69 -2.63 -10.07 22.26
N VAL F 70 -1.55 -10.69 22.71
CA VAL F 70 -1.64 -12.03 23.26
C VAL F 70 -1.09 -12.13 24.69
N THR F 71 -1.77 -12.91 25.52
CA THR F 71 -1.34 -13.14 26.89
C THR F 71 -1.14 -14.65 26.97
N ASP F 72 -0.61 -15.14 28.08
CA ASP F 72 -0.39 -16.58 28.20
C ASP F 72 -1.71 -17.34 28.32
N ASP F 73 -2.80 -16.59 28.45
CA ASP F 73 -4.11 -17.21 28.61
C ASP F 73 -5.18 -16.70 27.64
N SER F 74 -4.99 -15.50 27.11
CA SER F 74 -5.99 -14.96 26.21
C SER F 74 -5.53 -14.13 25.03
N LEU F 75 -6.49 -13.90 24.15
CA LEU F 75 -6.31 -13.12 22.95
C LEU F 75 -7.14 -11.85 23.16
N LEU F 76 -6.46 -10.70 23.19
CA LEU F 76 -7.11 -9.42 23.39
C LEU F 76 -7.37 -8.78 22.03
N ILE F 77 -8.62 -8.83 21.58
CA ILE F 77 -8.99 -8.29 20.29
C ILE F 77 -9.36 -6.81 20.37
N ALA F 78 -8.49 -5.97 19.79
CA ALA F 78 -8.69 -4.54 19.80
C ALA F 78 -9.51 -4.02 18.62
N ALA F 79 -9.62 -4.80 17.55
CA ALA F 79 -10.41 -4.36 16.40
C ALA F 79 -10.50 -5.38 15.27
N CYS F 80 -11.57 -5.31 14.49
CA CYS F 80 -11.73 -6.20 13.35
C CYS F 80 -12.41 -5.46 12.20
N ARG F 81 -12.25 -4.14 12.19
CA ARG F 81 -12.82 -3.27 11.17
C ARG F 81 -12.00 -1.97 11.12
N TYR F 82 -11.78 -1.43 9.92
CA TYR F 82 -11.03 -0.19 9.76
C TYR F 82 -12.05 0.95 9.59
N HIS F 83 -11.87 2.04 10.34
CA HIS F 83 -12.80 3.16 10.33
C HIS F 83 -12.29 4.47 9.75
N TYR F 84 -13.21 5.23 9.14
CA TYR F 84 -12.90 6.55 8.57
C TYR F 84 -13.84 7.56 9.22
#